data_9F6W
#
_entry.id   9F6W
#
_cell.length_a   93.753
_cell.length_b   93.753
_cell.length_c   33.229
_cell.angle_alpha   90.00
_cell.angle_beta   90.00
_cell.angle_gamma   120.00
#
_symmetry.space_group_name_H-M   'P 31 2 1'
#
loop_
_entity.id
_entity.type
_entity.pdbx_description
1 polymer 'Bromodomain adjacent to zinc finger domain protein 2A'
2 non-polymer 1-(4-ethyl-2-methyl-5-piperazin-1-ylcarbonyl-1~{H}-pyrrol-3-yl)ethanone
3 non-polymer 1,2-ETHANEDIOL
4 non-polymer 'MAGNESIUM ION'
5 water water
#
_entity_poly.entity_id   1
_entity_poly.type   'polypeptide(L)'
_entity_poly.pdbx_seq_one_letter_code
;SMHSDLTFCEIILMEMESHDAAWPFLEPVNPRLVSGYRRIIKNPMDFSTMRHRLSRGGYTSSEEFAADALLVFDNCQTFN
EDDSEVGKAGHIMRRFFESRWEEFY
;
_entity_poly.pdbx_strand_id   A
#
loop_
_chem_comp.id
_chem_comp.type
_chem_comp.name
_chem_comp.formula
A1IAC non-polymer 1-(4-ethyl-2-methyl-5-piperazin-1-ylcarbonyl-1~{H}-pyrrol-3-yl)ethanone 'C14 H21 N3 O2'
EDO non-polymer 1,2-ETHANEDIOL 'C2 H6 O2'
MG non-polymer 'MAGNESIUM ION' 'Mg 2'
#
# COMPACT_ATOMS: atom_id res chain seq x y z
N MET A 2 -11.13 1.62 18.69
CA MET A 2 -9.78 1.59 18.12
C MET A 2 -9.31 0.14 17.96
N HIS A 3 -9.63 -0.70 18.95
CA HIS A 3 -9.34 -2.13 18.81
C HIS A 3 -10.13 -2.71 17.63
N SER A 4 -11.36 -2.25 17.44
CA SER A 4 -12.12 -2.63 16.25
C SER A 4 -11.45 -2.12 14.98
N ASP A 5 -11.08 -0.83 14.98
CA ASP A 5 -10.37 -0.24 13.84
C ASP A 5 -9.13 -1.06 13.48
N LEU A 6 -8.29 -1.35 14.48
CA LEU A 6 -7.00 -1.97 14.20
C LEU A 6 -7.11 -3.45 13.89
N THR A 7 -8.14 -4.12 14.41
CA THR A 7 -8.42 -5.50 14.01
C THR A 7 -8.68 -5.60 12.52
N PHE A 8 -9.53 -4.70 12.00
CA PHE A 8 -9.78 -4.67 10.56
C PHE A 8 -8.50 -4.40 9.77
N CYS A 9 -7.66 -3.47 10.27
CA CYS A 9 -6.43 -3.13 9.56
C CYS A 9 -5.50 -4.33 9.42
N GLU A 10 -5.41 -5.14 10.47
CA GLU A 10 -4.59 -6.35 10.43
C GLU A 10 -5.13 -7.37 9.44
N ILE A 11 -6.45 -7.51 9.37
CA ILE A 11 -7.05 -8.44 8.40
C ILE A 11 -6.73 -7.99 6.98
N ILE A 12 -6.96 -6.71 6.68
CA ILE A 12 -6.83 -6.27 5.30
C ILE A 12 -5.37 -6.25 4.87
N LEU A 13 -4.45 -5.93 5.79
CA LEU A 13 -3.03 -5.91 5.44
C LEU A 13 -2.51 -7.32 5.24
N MET A 14 -2.91 -8.25 6.12
CA MET A 14 -2.62 -9.66 5.88
C MET A 14 -3.08 -10.08 4.48
N GLU A 15 -4.29 -9.68 4.11
CA GLU A 15 -4.84 -10.12 2.83
C GLU A 15 -4.07 -9.50 1.67
N MET A 16 -3.64 -8.25 1.83
CA MET A 16 -2.87 -7.61 0.77
C MET A 16 -1.48 -8.22 0.66
N GLU A 17 -0.85 -8.52 1.79
CA GLU A 17 0.51 -9.08 1.78
C GLU A 17 0.55 -10.44 1.10
N SER A 18 -0.54 -11.20 1.16
CA SER A 18 -0.57 -12.53 0.58
C SER A 18 -1.17 -12.56 -0.83
N HIS A 19 -1.58 -11.41 -1.36
CA HIS A 19 -2.18 -11.34 -2.68
C HIS A 19 -1.14 -11.59 -3.77
N ASP A 20 -1.55 -12.27 -4.86
CA ASP A 20 -0.65 -12.51 -6.01
C ASP A 20 -0.10 -11.21 -6.60
N ALA A 21 -0.91 -10.15 -6.63
CA ALA A 21 -0.52 -8.87 -7.24
C ALA A 21 0.25 -7.96 -6.28
N ALA A 22 0.62 -8.46 -5.10
CA ALA A 22 1.26 -7.63 -4.09
C ALA A 22 2.75 -7.49 -4.30
N TRP A 23 3.34 -8.27 -5.21
CA TRP A 23 4.79 -8.32 -5.32
C TRP A 23 5.48 -6.96 -5.55
N PRO A 24 4.88 -5.94 -6.18
CA PRO A 24 5.60 -4.66 -6.28
C PRO A 24 5.57 -3.82 -5.02
N PHE A 25 4.89 -4.26 -3.97
CA PHE A 25 4.57 -3.38 -2.85
C PHE A 25 5.02 -3.94 -1.52
N LEU A 26 5.64 -5.12 -1.51
CA LEU A 26 6.05 -5.76 -0.27
C LEU A 26 7.29 -5.14 0.35
N GLU A 27 8.10 -4.44 -0.43
CA GLU A 27 9.32 -3.79 0.03
CA GLU A 27 9.30 -3.78 0.06
C GLU A 27 9.41 -2.41 -0.58
N PRO A 28 10.08 -1.46 0.09
CA PRO A 28 10.28 -0.13 -0.53
C PRO A 28 11.01 -0.21 -1.86
N VAL A 29 10.59 0.64 -2.80
CA VAL A 29 11.39 0.86 -4.00
C VAL A 29 12.79 1.31 -3.61
N ASN A 30 13.80 0.75 -4.25
CA ASN A 30 15.17 1.23 -4.06
C ASN A 30 15.44 2.33 -5.09
N PRO A 31 15.51 3.60 -4.67
CA PRO A 31 15.67 4.66 -5.66
C PRO A 31 17.01 4.63 -6.40
N ARG A 32 18.03 3.98 -5.85
CA ARG A 32 19.28 3.80 -6.60
C ARG A 32 19.07 2.97 -7.86
N LEU A 33 18.05 2.12 -7.88
CA LEU A 33 17.82 1.23 -9.01
C LEU A 33 16.75 1.75 -9.96
N VAL A 34 16.06 2.83 -9.62
CA VAL A 34 14.93 3.31 -10.41
C VAL A 34 15.18 4.77 -10.73
N SER A 35 15.56 5.03 -11.98
CA SER A 35 15.86 6.39 -12.38
C SER A 35 14.62 7.28 -12.26
N GLY A 36 14.76 8.39 -11.53
CA GLY A 36 13.70 9.37 -11.41
C GLY A 36 12.77 9.17 -10.22
N TYR A 37 12.93 8.09 -9.45
CA TYR A 37 11.93 7.77 -8.44
C TYR A 37 11.93 8.80 -7.32
N ARG A 38 13.13 9.11 -6.82
CA ARG A 38 13.32 10.07 -5.75
C ARG A 38 12.80 11.44 -6.15
N ARG A 39 13.09 11.87 -7.38
CA ARG A 39 12.64 13.17 -7.86
C ARG A 39 11.11 13.26 -7.91
N ILE A 40 10.44 12.18 -8.30
CA ILE A 40 9.01 12.21 -8.61
C ILE A 40 8.14 11.83 -7.41
N ILE A 41 8.54 10.82 -6.64
CA ILE A 41 7.71 10.32 -5.54
C ILE A 41 8.21 10.96 -4.25
N LYS A 42 7.44 11.93 -3.72
CA LYS A 42 7.86 12.65 -2.51
C LYS A 42 7.68 11.83 -1.24
N ASN A 43 6.64 11.00 -1.17
CA ASN A 43 6.34 10.23 0.06
C ASN A 43 6.18 8.75 -0.27
N PRO A 44 7.28 8.04 -0.41
CA PRO A 44 7.20 6.60 -0.73
C PRO A 44 6.43 5.86 0.35
N MET A 45 5.78 4.77 -0.05
CA MET A 45 5.06 3.94 0.92
C MET A 45 5.00 2.54 0.34
N ASP A 46 4.97 1.55 1.23
CA ASP A 46 4.87 0.15 0.82
C ASP A 46 4.30 -0.66 1.98
N PHE A 47 4.00 -1.93 1.71
CA PHE A 47 3.28 -2.74 2.70
C PHE A 47 4.14 -3.06 3.91
N SER A 48 5.45 -3.29 3.72
CA SER A 48 6.30 -3.58 4.88
C SER A 48 6.44 -2.37 5.80
N THR A 49 6.42 -1.16 5.25
CA THR A 49 6.42 0.02 6.11
C THR A 49 5.11 0.11 6.89
N MET A 50 3.98 -0.18 6.25
CA MET A 50 2.70 -0.22 6.97
C MET A 50 2.69 -1.33 8.01
N ARG A 51 3.23 -2.50 7.67
CA ARG A 51 3.34 -3.57 8.65
C ARG A 51 4.20 -3.12 9.83
N HIS A 52 5.36 -2.52 9.56
CA HIS A 52 6.22 -2.05 10.64
C HIS A 52 5.51 -1.04 11.52
N ARG A 53 4.80 -0.09 10.90
CA ARG A 53 4.07 0.91 11.67
C ARG A 53 2.99 0.28 12.53
N LEU A 54 2.25 -0.69 11.99
CA LEU A 54 1.24 -1.37 12.79
C LEU A 54 1.88 -2.08 13.98
N SER A 55 3.02 -2.72 13.76
CA SER A 55 3.72 -3.46 14.83
C SER A 55 4.11 -2.55 15.99
N ARG A 56 4.62 -1.35 15.71
CA ARG A 56 5.04 -0.47 16.78
C ARG A 56 3.90 0.38 17.34
N GLY A 57 2.66 0.09 16.93
CA GLY A 57 1.51 0.81 17.42
C GLY A 57 1.27 2.18 16.82
N GLY A 58 1.91 2.50 15.69
CA GLY A 58 1.92 3.84 15.11
C GLY A 58 0.64 4.30 14.45
N TYR A 59 -0.39 3.47 14.35
CA TYR A 59 -1.67 3.87 13.77
C TYR A 59 -2.69 4.06 14.89
N THR A 60 -3.28 5.27 14.94
CA THR A 60 -4.29 5.59 15.95
C THR A 60 -5.69 5.22 15.49
N SER A 61 -6.02 5.49 14.23
CA SER A 61 -7.33 5.19 13.67
C SER A 61 -7.15 4.41 12.38
N SER A 62 -8.26 3.85 11.89
CA SER A 62 -8.19 3.15 10.62
C SER A 62 -8.12 4.12 9.44
N GLU A 63 -8.49 5.39 9.63
CA GLU A 63 -8.34 6.36 8.55
C GLU A 63 -6.88 6.65 8.26
N GLU A 64 -6.04 6.75 9.31
CA GLU A 64 -4.60 6.84 9.11
C GLU A 64 -4.08 5.68 8.27
N PHE A 65 -4.51 4.47 8.61
CA PHE A 65 -4.07 3.28 7.88
C PHE A 65 -4.46 3.37 6.41
N ALA A 66 -5.70 3.79 6.13
CA ALA A 66 -6.18 3.89 4.76
C ALA A 66 -5.37 4.92 3.97
N ALA A 67 -5.02 6.04 4.60
CA ALA A 67 -4.20 7.05 3.92
C ALA A 67 -2.87 6.47 3.46
N ASP A 68 -2.24 5.61 4.25
CA ASP A 68 -1.01 4.96 3.81
C ASP A 68 -1.26 3.99 2.66
N ALA A 69 -2.28 3.13 2.80
CA ALA A 69 -2.61 2.20 1.71
C ALA A 69 -2.86 2.96 0.42
N LEU A 70 -3.67 4.01 0.47
CA LEU A 70 -3.98 4.77 -0.74
C LEU A 70 -2.74 5.49 -1.28
N LEU A 71 -1.80 5.84 -0.41
CA LEU A 71 -0.57 6.45 -0.87
C LEU A 71 0.25 5.47 -1.72
N VAL A 72 0.27 4.19 -1.33
CA VAL A 72 0.92 3.16 -2.15
C VAL A 72 0.40 3.22 -3.59
N PHE A 73 -0.92 3.26 -3.74
CA PHE A 73 -1.49 3.15 -5.07
C PHE A 73 -1.49 4.48 -5.83
N ASP A 74 -1.53 5.60 -5.11
CA ASP A 74 -1.30 6.90 -5.75
C ASP A 74 0.14 7.02 -6.28
N ASN A 75 1.13 6.67 -5.45
CA ASN A 75 2.51 6.61 -5.95
C ASN A 75 2.62 5.70 -7.17
N CYS A 76 1.99 4.53 -7.11
CA CYS A 76 2.08 3.58 -8.21
C CYS A 76 1.54 4.18 -9.51
N GLN A 77 0.36 4.81 -9.45
CA GLN A 77 -0.20 5.41 -10.65
C GLN A 77 0.55 6.67 -11.08
N THR A 78 1.24 7.34 -10.15
CA THR A 78 2.01 8.52 -10.54
C THR A 78 3.23 8.13 -11.34
N PHE A 79 3.92 7.04 -10.95
CA PHE A 79 5.20 6.72 -11.55
C PHE A 79 5.10 5.70 -12.68
N ASN A 80 4.13 4.80 -12.65
CA ASN A 80 4.08 3.69 -13.58
C ASN A 80 2.92 3.86 -14.56
N GLU A 81 3.17 3.48 -15.81
CA GLU A 81 2.12 3.47 -16.81
C GLU A 81 1.04 2.47 -16.41
N ASP A 82 -0.21 2.80 -16.72
CA ASP A 82 -1.33 1.90 -16.43
C ASP A 82 -1.15 0.53 -17.09
N ASP A 83 -0.42 0.47 -18.21
CA ASP A 83 -0.21 -0.79 -18.90
C ASP A 83 1.15 -1.41 -18.61
N SER A 84 1.91 -0.85 -17.68
CA SER A 84 3.14 -1.49 -17.24
C SER A 84 2.83 -2.67 -16.32
N GLU A 85 3.84 -3.51 -16.11
CA GLU A 85 3.67 -4.66 -15.22
C GLU A 85 3.34 -4.20 -13.80
N VAL A 86 4.06 -3.19 -13.30
CA VAL A 86 3.80 -2.69 -11.95
C VAL A 86 2.46 -1.96 -11.90
N GLY A 87 2.18 -1.16 -12.94
CA GLY A 87 0.91 -0.46 -13.00
C GLY A 87 -0.28 -1.40 -13.01
N LYS A 88 -0.23 -2.46 -13.83
CA LYS A 88 -1.33 -3.42 -13.83
C LYS A 88 -1.51 -4.04 -12.46
N ALA A 89 -0.41 -4.44 -11.80
CA ALA A 89 -0.54 -5.04 -10.49
C ALA A 89 -1.12 -4.05 -9.48
N GLY A 90 -0.76 -2.77 -9.61
CA GLY A 90 -1.26 -1.78 -8.68
C GLY A 90 -2.75 -1.53 -8.81
N HIS A 91 -3.28 -1.64 -10.02
CA HIS A 91 -4.72 -1.48 -10.18
C HIS A 91 -5.47 -2.65 -9.55
N ILE A 92 -4.95 -3.87 -9.69
CA ILE A 92 -5.54 -5.02 -9.03
C ILE A 92 -5.55 -4.82 -7.51
N MET A 93 -4.40 -4.40 -6.95
CA MET A 93 -4.33 -4.24 -5.49
C MET A 93 -5.19 -3.08 -5.02
N ARG A 94 -5.29 -2.01 -5.82
CA ARG A 94 -6.07 -0.85 -5.42
C ARG A 94 -7.55 -1.18 -5.42
N ARG A 95 -8.03 -1.89 -6.45
CA ARG A 95 -9.43 -2.30 -6.48
C ARG A 95 -9.72 -3.27 -5.34
N PHE A 96 -8.79 -4.20 -5.05
CA PHE A 96 -8.97 -5.08 -3.91
C PHE A 96 -9.15 -4.29 -2.62
N PHE A 97 -8.22 -3.36 -2.34
CA PHE A 97 -8.28 -2.60 -1.09
C PHE A 97 -9.56 -1.77 -0.98
N GLU A 98 -9.86 -1.01 -2.04
CA GLU A 98 -11.05 -0.18 -2.03
C GLU A 98 -12.31 -1.00 -1.77
N SER A 99 -12.45 -2.13 -2.47
CA SER A 99 -13.67 -2.91 -2.31
C SER A 99 -13.72 -3.57 -0.93
N ARG A 100 -12.56 -3.98 -0.42
CA ARG A 100 -12.50 -4.62 0.89
C ARG A 100 -12.75 -3.59 1.99
N TRP A 101 -12.12 -2.42 1.90
CA TRP A 101 -12.40 -1.34 2.85
C TRP A 101 -13.89 -1.00 2.89
N GLU A 102 -14.59 -1.11 1.75
CA GLU A 102 -15.97 -0.66 1.67
C GLU A 102 -16.96 -1.69 2.20
N GLU A 103 -16.64 -2.99 2.10
CA GLU A 103 -17.50 -3.97 2.73
C GLU A 103 -17.21 -4.14 4.22
N PHE A 104 -16.40 -3.24 4.80
CA PHE A 104 -16.30 -3.07 6.24
C PHE A 104 -16.96 -1.77 6.70
N TYR A 105 -16.64 -0.65 6.05
CA TYR A 105 -17.16 0.67 6.44
C TYR A 105 -18.07 1.27 5.37
C12 A1IAC B . 9.36 -3.35 -8.00
C16 A1IAC B . 11.33 -5.45 -5.49
C18 A1IAC B . 10.56 -3.39 -4.55
C19 A1IAC B . 9.29 -3.46 -5.39
C01 A1IAC B . 9.65 -1.24 -11.32
C02 A1IAC B . 10.06 -0.87 -9.91
C03 A1IAC B . 8.90 -0.86 -8.86
C04 A1IAC B . 8.65 -1.94 -8.02
C06 A1IAC B . 7.18 -0.38 -7.47
C07 A1IAC B . 6.01 0.26 -6.69
C08 A1IAC B . 7.97 0.14 -8.50
C09 A1IAC B . 7.81 1.57 -9.04
C11 A1IAC B . 8.92 2.25 -9.86
C15 A1IAC B . 10.23 -5.36 -6.55
N05 A1IAC B . 7.61 -1.62 -7.23
N14 A1IAC B . 9.60 -4.04 -6.70
N17 A1IAC B . 11.06 -4.72 -4.28
O10 A1IAC B . 6.81 2.19 -8.83
O13 A1IAC B . 9.65 -3.88 -9.03
C1 EDO C . 13.34 -1.40 -7.08
O1 EDO C . 13.87 -1.55 -5.76
C2 EDO C . 13.91 -2.49 -7.98
O2 EDO C . 13.08 -2.63 -9.14
MG MG D . -15.61 3.18 -5.75
#